data_6U6O
#
_entry.id   6U6O
#
_cell.length_a   71.018
_cell.length_b   36.991
_cell.length_c   87.921
_cell.angle_alpha   90.000
_cell.angle_beta   111.960
_cell.angle_gamma   90.000
#
_symmetry.space_group_name_H-M   'P 1 21 1'
#
loop_
_entity.id
_entity.type
_entity.pdbx_description
1 polymer 'DH846 Fab heavy chain'
2 polymer 'DH846 Fab light chain'
3 water water
#
loop_
_entity_poly.entity_id
_entity_poly.type
_entity_poly.pdbx_seq_one_letter_code
_entity_poly.pdbx_strand_id
1 'polypeptide(L)'
;QLQLQESGPGLVKPSETLSLTCDVSGVSISSNYGWGWIRQPPGKGLDWIVTIYGGTGNTYYAPSLEGRVAISKDASKNQF
SLRLNSVTAADTAVYYCARKITYSSGWYYFDYWGQGVLVAVSSASTKGPSVFPLAPSSKSTSGGTAALGCLVKDYFPEPV
TVSWNSGSLTSGVHTFPAVLQSSGLYSLSSVVTVPSSSLGTQTYVCNVNHKPSNTKVDKKVEPKSCDK
;
H
2 'polypeptide(L)'
;EIVMTQSPATLSLSPGERATLSCRASQSVSSRLAWYQQKPGQAPRLLIYDASNRATGIPDRFSGSGSGTEFTLTISGLEP
EDVAVYFCQEDHNWSTFGQGTKVEIKRAVAAPSVFIFPPSEDQVKSGTVSVVCLLNNFYPREASVKWKVDGVLKTGNSQE
SVTEQDSKDNTYSLSSTLTLSNTDYQSHNVYACEVTHQGLSSPVTKSFNRGEC
;
L
#
# COMPACT_ATOMS: atom_id res chain seq x y z
N GLN A 1 -13.81 -1.23 22.78
CA GLN A 1 -15.12 -1.61 22.29
C GLN A 1 -15.56 -0.75 21.11
N LEU A 2 -14.82 -0.85 20.01
CA LEU A 2 -15.25 -0.40 18.69
C LEU A 2 -14.26 -0.95 17.65
N GLN A 3 -14.71 -1.87 16.82
CA GLN A 3 -13.80 -2.56 15.91
C GLN A 3 -14.57 -3.02 14.69
N LEU A 4 -14.01 -2.75 13.51
CA LEU A 4 -14.55 -3.21 12.23
C LEU A 4 -13.54 -4.11 11.57
N GLN A 5 -13.94 -5.34 11.26
CA GLN A 5 -13.06 -6.31 10.63
C GLN A 5 -13.71 -6.82 9.35
N GLU A 6 -13.06 -6.60 8.22
CA GLU A 6 -13.56 -7.08 6.94
C GLU A 6 -13.28 -8.57 6.79
N SER A 7 -14.15 -9.25 6.05
CA SER A 7 -14.01 -10.68 5.82
C SER A 7 -14.60 -11.01 4.45
N GLY A 8 -13.96 -11.94 3.75
CA GLY A 8 -14.41 -12.35 2.44
C GLY A 8 -13.30 -12.93 1.59
N PRO A 9 -13.65 -13.47 0.44
CA PRO A 9 -12.64 -14.12 -0.42
C PRO A 9 -11.71 -13.09 -1.04
N GLY A 10 -10.42 -13.42 -1.07
CA GLY A 10 -9.44 -12.57 -1.71
C GLY A 10 -9.34 -12.71 -3.20
N LEU A 11 -10.06 -13.68 -3.79
CA LEU A 11 -10.04 -13.92 -5.22
C LEU A 11 -11.42 -14.36 -5.68
N VAL A 12 -11.97 -13.67 -6.67
CA VAL A 12 -13.27 -14.00 -7.25
C VAL A 12 -13.12 -14.03 -8.76
N LYS A 13 -13.62 -15.10 -9.38
CA LYS A 13 -13.60 -15.22 -10.84
C LYS A 13 -14.48 -14.13 -11.46
N PRO A 14 -14.22 -13.77 -12.72
CA PRO A 14 -15.02 -12.73 -13.37
C PRO A 14 -16.45 -13.20 -13.60
N SER A 15 -17.36 -12.24 -13.63
CA SER A 15 -18.81 -12.41 -13.81
C SER A 15 -19.46 -13.12 -12.62
N GLU A 16 -18.73 -13.42 -11.56
CA GLU A 16 -19.31 -13.96 -10.34
C GLU A 16 -19.66 -12.82 -9.39
N THR A 17 -20.09 -13.15 -8.18
CA THR A 17 -20.48 -12.17 -7.18
C THR A 17 -19.53 -12.24 -5.99
N LEU A 18 -18.94 -11.10 -5.63
CA LEU A 18 -18.09 -11.01 -4.46
C LEU A 18 -18.94 -10.62 -3.25
N SER A 19 -18.75 -11.32 -2.14
CA SER A 19 -19.46 -11.04 -0.91
C SER A 19 -18.45 -10.74 0.19
N LEU A 20 -18.60 -9.58 0.83
CA LEU A 20 -17.72 -9.16 1.90
C LEU A 20 -18.55 -8.83 3.13
N THR A 21 -18.06 -9.25 4.29
CA THR A 21 -18.74 -9.04 5.57
C THR A 21 -17.87 -8.20 6.48
N CYS A 22 -18.49 -7.28 7.20
CA CYS A 22 -17.81 -6.39 8.14
C CYS A 22 -18.26 -6.75 9.55
N ASP A 23 -17.35 -7.31 10.34
CA ASP A 23 -17.64 -7.65 11.73
C ASP A 23 -17.58 -6.40 12.59
N VAL A 24 -18.68 -6.09 13.27
CA VAL A 24 -18.79 -4.91 14.12
C VAL A 24 -18.84 -5.36 15.57
N SER A 25 -18.05 -4.71 16.42
CA SER A 25 -18.02 -5.00 17.84
C SER A 25 -17.96 -3.70 18.63
N GLY A 26 -18.51 -3.73 19.84
CA GLY A 26 -18.55 -2.57 20.70
C GLY A 26 -19.66 -1.60 20.42
N VAL A 27 -20.42 -1.80 19.35
CA VAL A 27 -21.52 -0.90 18.97
C VAL A 27 -22.53 -1.70 18.17
N SER A 28 -23.81 -1.45 18.43
CA SER A 28 -24.87 -2.22 17.77
C SER A 28 -25.03 -1.75 16.33
N ILE A 29 -25.25 -2.72 15.43
CA ILE A 29 -25.51 -2.40 14.04
C ILE A 29 -26.84 -1.68 13.87
N SER A 30 -27.70 -1.74 14.88
CA SER A 30 -29.02 -1.14 14.81
C SER A 30 -29.07 0.31 15.31
N SER A 31 -28.04 0.75 16.03
CA SER A 31 -27.94 2.17 16.35
C SER A 31 -27.75 2.98 15.07
N ASN A 32 -28.29 4.20 15.07
CA ASN A 32 -28.35 5.01 13.85
C ASN A 32 -26.97 5.58 13.50
N TYR A 33 -26.02 4.68 13.30
CA TYR A 33 -24.77 5.00 12.64
C TYR A 33 -24.92 4.71 11.14
N GLY A 34 -23.96 5.22 10.37
CA GLY A 34 -23.85 4.87 8.95
C GLY A 34 -22.78 3.82 8.77
N TRP A 35 -23.12 2.79 8.00
CA TRP A 35 -22.22 1.69 7.70
C TRP A 35 -22.01 1.64 6.20
N GLY A 36 -20.79 1.95 5.75
CA GLY A 36 -20.50 2.13 4.35
C GLY A 36 -19.36 1.23 3.88
N TRP A 37 -19.28 1.09 2.56
CA TRP A 37 -18.21 0.34 1.90
C TRP A 37 -17.48 1.28 0.94
N ILE A 38 -16.17 1.35 1.09
CA ILE A 38 -15.31 2.18 0.25
C ILE A 38 -14.19 1.30 -0.29
N ARG A 39 -13.94 1.38 -1.59
CA ARG A 39 -12.89 0.60 -2.23
C ARG A 39 -11.78 1.51 -2.75
N GLN A 40 -10.60 0.93 -2.90
CA GLN A 40 -9.43 1.65 -3.40
C GLN A 40 -8.74 0.77 -4.45
N PRO A 41 -8.96 1.03 -5.73
CA PRO A 41 -8.23 0.30 -6.76
C PRO A 41 -6.75 0.61 -6.69
N PRO A 42 -5.91 -0.31 -7.16
CA PRO A 42 -4.45 -0.10 -7.05
C PRO A 42 -4.02 1.18 -7.76
N GLY A 43 -3.38 2.06 -7.00
CA GLY A 43 -2.89 3.32 -7.51
C GLY A 43 -3.88 4.46 -7.45
N LYS A 44 -5.17 4.17 -7.58
CA LYS A 44 -6.19 5.21 -7.51
C LYS A 44 -6.48 5.56 -6.05
N GLY A 45 -7.33 6.56 -5.85
CA GLY A 45 -7.75 6.96 -4.53
C GLY A 45 -8.98 6.19 -4.06
N LEU A 46 -9.57 6.70 -2.99
CA LEU A 46 -10.76 6.07 -2.42
C LEU A 46 -11.98 6.32 -3.30
N ASP A 47 -12.93 5.39 -3.26
CA ASP A 47 -14.14 5.46 -4.08
C ASP A 47 -15.31 4.92 -3.25
N TRP A 48 -16.21 5.80 -2.85
CA TRP A 48 -17.37 5.38 -2.07
C TRP A 48 -18.31 4.52 -2.91
N ILE A 49 -18.80 3.44 -2.31
CA ILE A 49 -19.67 2.51 -3.01
C ILE A 49 -21.10 2.66 -2.54
N VAL A 50 -21.34 2.45 -1.24
CA VAL A 50 -22.70 2.36 -0.70
C VAL A 50 -22.64 2.59 0.80
N THR A 51 -23.73 3.13 1.35
CA THR A 51 -23.88 3.30 2.79
C THR A 51 -25.29 2.84 3.19
N ILE A 52 -25.37 2.16 4.33
CA ILE A 52 -26.64 1.83 4.95
C ILE A 52 -26.63 2.35 6.39
N TYR A 53 -27.76 2.89 6.83
CA TYR A 53 -27.88 3.48 8.16
C TYR A 53 -28.70 2.54 9.04
N GLY A 54 -28.10 2.12 10.16
CA GLY A 54 -28.90 1.49 11.20
C GLY A 54 -29.99 2.42 11.68
N GLY A 55 -31.05 1.84 12.23
CA GLY A 55 -32.18 2.65 12.64
C GLY A 55 -33.12 3.03 11.52
N THR A 56 -32.70 3.97 10.66
CA THR A 56 -33.55 4.35 9.53
C THR A 56 -33.69 3.22 8.52
N GLY A 57 -32.64 2.41 8.35
CA GLY A 57 -32.64 1.43 7.28
C GLY A 57 -32.36 2.00 5.92
N ASN A 58 -32.08 3.30 5.82
CA ASN A 58 -31.84 3.94 4.54
C ASN A 58 -30.57 3.40 3.89
N THR A 59 -30.60 3.32 2.56
CA THR A 59 -29.44 2.95 1.77
C THR A 59 -29.19 3.99 0.71
N TYR A 60 -27.90 4.24 0.43
CA TYR A 60 -27.48 5.18 -0.59
C TYR A 60 -26.38 4.55 -1.42
N TYR A 61 -26.52 4.61 -2.74
CA TYR A 61 -25.60 3.94 -3.66
C TYR A 61 -24.95 4.95 -4.59
N ALA A 62 -23.70 4.68 -4.95
CA ALA A 62 -23.02 5.42 -6.00
C ALA A 62 -23.45 4.89 -7.37
N PRO A 63 -23.27 5.68 -8.44
CA PRO A 63 -23.73 5.24 -9.76
C PRO A 63 -23.16 3.88 -10.15
N SER A 64 -24.05 2.96 -10.51
CA SER A 64 -23.65 1.62 -10.91
C SER A 64 -24.77 1.02 -11.75
N LEU A 65 -24.53 -0.18 -12.28
CA LEU A 65 -25.54 -0.88 -13.04
C LEU A 65 -26.66 -1.35 -12.11
N GLU A 66 -27.88 -1.35 -12.63
CA GLU A 66 -29.09 -1.58 -11.84
C GLU A 66 -29.07 -2.96 -11.17
N GLY A 67 -28.88 -2.99 -9.86
CA GLY A 67 -28.88 -4.22 -9.10
C GLY A 67 -27.54 -4.88 -8.92
N ARG A 68 -26.46 -4.28 -9.42
CA ARG A 68 -25.12 -4.84 -9.18
C ARG A 68 -24.76 -4.76 -7.70
N VAL A 69 -24.93 -3.58 -7.10
CA VAL A 69 -24.56 -3.35 -5.71
C VAL A 69 -25.69 -3.81 -4.80
N ALA A 70 -25.32 -4.32 -3.63
CA ALA A 70 -26.29 -4.74 -2.63
C ALA A 70 -25.63 -4.63 -1.25
N ILE A 71 -26.40 -4.16 -0.27
CA ILE A 71 -25.93 -4.02 1.10
C ILE A 71 -27.04 -4.51 2.03
N SER A 72 -26.63 -5.10 3.15
CA SER A 72 -27.58 -5.70 4.07
C SER A 72 -27.04 -5.67 5.49
N LYS A 73 -27.86 -5.17 6.41
CA LYS A 73 -27.58 -5.25 7.84
C LYS A 73 -27.96 -6.62 8.38
N ASP A 74 -27.35 -6.97 9.51
CA ASP A 74 -27.72 -8.19 10.22
C ASP A 74 -27.55 -7.93 11.71
N ALA A 75 -28.67 -7.91 12.44
CA ALA A 75 -28.63 -7.61 13.86
C ALA A 75 -28.25 -8.82 14.71
N SER A 76 -28.59 -10.03 14.25
CA SER A 76 -28.27 -11.23 15.01
C SER A 76 -26.76 -11.42 15.13
N LYS A 77 -26.05 -11.37 14.01
CA LYS A 77 -24.61 -11.50 14.00
C LYS A 77 -23.90 -10.17 14.22
N ASN A 78 -24.64 -9.06 14.28
CA ASN A 78 -24.10 -7.71 14.43
C ASN A 78 -23.02 -7.44 13.38
N GLN A 79 -23.45 -7.49 12.12
CA GLN A 79 -22.56 -7.27 11.00
C GLN A 79 -23.38 -6.74 9.84
N PHE A 80 -22.70 -6.07 8.91
CA PHE A 80 -23.31 -5.63 7.66
C PHE A 80 -22.40 -6.06 6.51
N SER A 81 -23.01 -6.53 5.42
CA SER A 81 -22.28 -7.13 4.33
C SER A 81 -22.58 -6.41 3.02
N LEU A 82 -21.69 -6.64 2.05
CA LEU A 82 -21.83 -6.09 0.71
C LEU A 82 -21.83 -7.22 -0.31
N ARG A 83 -22.72 -7.12 -1.29
CA ARG A 83 -22.77 -8.07 -2.40
C ARG A 83 -22.67 -7.28 -3.71
N LEU A 84 -21.64 -7.58 -4.49
CA LEU A 84 -21.41 -6.97 -5.79
C LEU A 84 -21.28 -8.09 -6.82
N ASN A 85 -22.30 -8.24 -7.67
CA ASN A 85 -22.34 -9.31 -8.64
C ASN A 85 -21.94 -8.78 -10.02
N SER A 86 -21.88 -9.69 -10.99
CA SER A 86 -21.47 -9.38 -12.36
C SER A 86 -20.12 -8.65 -12.36
N VAL A 87 -19.19 -9.19 -11.60
CA VAL A 87 -17.93 -8.52 -11.33
C VAL A 87 -17.00 -8.65 -12.53
N THR A 88 -16.27 -7.58 -12.83
CA THR A 88 -15.31 -7.53 -13.92
C THR A 88 -13.91 -7.28 -13.36
N ALA A 89 -12.93 -7.23 -14.26
CA ALA A 89 -11.54 -7.02 -13.85
C ALA A 89 -11.33 -5.65 -13.20
N ALA A 90 -12.21 -4.69 -13.43
CA ALA A 90 -12.09 -3.36 -12.84
C ALA A 90 -12.60 -3.32 -11.40
N ASP A 91 -12.95 -4.46 -10.81
CA ASP A 91 -13.42 -4.50 -9.44
C ASP A 91 -12.35 -4.94 -8.45
N THR A 92 -11.15 -5.26 -8.91
CA THR A 92 -10.06 -5.56 -8.00
C THR A 92 -9.63 -4.28 -7.29
N ALA A 93 -9.62 -4.32 -5.96
CA ALA A 93 -9.36 -3.14 -5.15
C ALA A 93 -9.17 -3.60 -3.71
N VAL A 94 -8.90 -2.64 -2.83
CA VAL A 94 -8.92 -2.84 -1.40
C VAL A 94 -10.23 -2.28 -0.87
N TYR A 95 -11.04 -3.13 -0.27
CA TYR A 95 -12.37 -2.76 0.20
C TYR A 95 -12.35 -2.50 1.70
N TYR A 96 -12.81 -1.32 2.10
CA TYR A 96 -12.91 -0.93 3.50
C TYR A 96 -14.38 -0.80 3.90
N CYS A 97 -14.69 -1.20 5.12
CA CYS A 97 -15.93 -0.82 5.77
C CYS A 97 -15.61 0.18 6.87
N ALA A 98 -16.48 1.19 7.03
CA ALA A 98 -16.25 2.25 7.98
C ALA A 98 -17.57 2.66 8.62
N ARG A 99 -17.48 3.40 9.71
CA ARG A 99 -18.63 3.88 10.44
C ARG A 99 -18.83 5.38 10.20
N LYS A 100 -20.08 5.79 10.07
CA LYS A 100 -20.43 7.20 9.91
C LYS A 100 -21.07 7.73 11.18
N ILE A 101 -20.66 8.92 11.60
CA ILE A 101 -21.26 9.59 12.74
C ILE A 101 -21.48 11.05 12.37
N THR A 102 -22.57 11.62 12.89
CA THR A 102 -22.92 13.00 12.63
C THR A 102 -22.12 13.94 13.52
N TYR A 103 -22.08 15.21 13.10
CA TYR A 103 -21.51 16.27 13.91
C TYR A 103 -22.50 17.43 13.92
N SER A 104 -22.05 18.62 14.31
CA SER A 104 -22.98 19.71 14.59
C SER A 104 -23.83 20.06 13.36
N SER A 105 -23.33 19.76 12.17
CA SER A 105 -24.07 20.08 10.94
C SER A 105 -25.20 19.11 10.65
N GLY A 106 -25.26 17.97 11.35
CA GLY A 106 -26.27 16.98 11.10
C GLY A 106 -25.97 16.01 9.98
N TRP A 107 -24.77 16.07 9.40
CA TRP A 107 -24.37 15.18 8.33
C TRP A 107 -23.26 14.24 8.81
N TYR A 108 -23.14 13.11 8.12
CA TYR A 108 -22.27 12.02 8.53
C TYR A 108 -20.90 12.12 7.85
N TYR A 109 -19.91 11.53 8.52
CA TYR A 109 -18.57 11.35 7.96
C TYR A 109 -18.01 10.04 8.51
N PHE A 110 -17.10 9.44 7.75
CA PHE A 110 -16.48 8.18 8.15
C PHE A 110 -15.43 8.47 9.20
N ASP A 111 -15.77 8.24 10.47
CA ASP A 111 -14.87 8.57 11.56
C ASP A 111 -13.93 7.43 11.92
N TYR A 112 -14.39 6.19 11.84
CA TYR A 112 -13.55 5.03 12.13
C TYR A 112 -13.63 4.05 10.97
N TRP A 113 -12.46 3.59 10.50
CA TRP A 113 -12.36 2.72 9.35
C TRP A 113 -11.91 1.33 9.78
N GLY A 114 -11.95 0.40 8.83
CA GLY A 114 -11.51 -0.96 9.05
C GLY A 114 -10.13 -1.22 8.46
N GLN A 115 -9.60 -2.40 8.77
CA GLN A 115 -8.28 -2.78 8.28
C GLN A 115 -8.26 -2.88 6.76
N GLY A 116 -9.37 -3.30 6.16
CA GLY A 116 -9.47 -3.40 4.72
C GLY A 116 -9.04 -4.75 4.19
N VAL A 117 -9.86 -5.35 3.33
CA VAL A 117 -9.54 -6.60 2.66
C VAL A 117 -9.42 -6.32 1.16
N LEU A 118 -8.39 -6.90 0.55
CA LEU A 118 -8.16 -6.73 -0.88
C LEU A 118 -8.65 -7.97 -1.62
N VAL A 119 -9.42 -7.75 -2.67
CA VAL A 119 -9.94 -8.84 -3.50
C VAL A 119 -9.42 -8.65 -4.92
N ALA A 120 -9.04 -9.75 -5.56
CA ALA A 120 -8.58 -9.75 -6.93
C ALA A 120 -9.62 -10.43 -7.80
N VAL A 121 -9.75 -9.95 -9.04
CA VAL A 121 -10.73 -10.47 -9.98
C VAL A 121 -9.97 -10.94 -11.22
N SER A 122 -9.92 -12.25 -11.41
CA SER A 122 -9.22 -12.84 -12.55
C SER A 122 -9.63 -14.31 -12.64
N SER A 123 -9.32 -14.91 -13.79
CA SER A 123 -9.52 -16.34 -13.97
C SER A 123 -8.35 -17.17 -13.47
N ALA A 124 -7.27 -16.53 -13.05
CA ALA A 124 -6.10 -17.25 -12.57
C ALA A 124 -6.39 -17.92 -11.23
N SER A 125 -5.81 -19.10 -11.04
CA SER A 125 -6.02 -19.87 -9.83
C SER A 125 -5.00 -19.47 -8.76
N THR A 126 -5.25 -19.94 -7.55
CA THR A 126 -4.34 -19.67 -6.43
C THR A 126 -3.10 -20.53 -6.57
N LYS A 127 -1.93 -19.91 -6.40
CA LYS A 127 -0.66 -20.62 -6.46
C LYS A 127 0.18 -20.24 -5.24
N GLY A 128 0.83 -21.24 -4.65
CA GLY A 128 1.67 -21.03 -3.49
C GLY A 128 3.03 -20.46 -3.86
N PRO A 129 3.62 -19.70 -2.96
CA PRO A 129 4.91 -19.07 -3.24
C PRO A 129 6.08 -20.01 -2.99
N SER A 130 7.20 -19.68 -3.62
CA SER A 130 8.49 -20.26 -3.33
C SER A 130 9.35 -19.24 -2.62
N VAL A 131 10.11 -19.68 -1.63
CA VAL A 131 10.97 -18.81 -0.84
C VAL A 131 12.41 -19.18 -1.09
N PHE A 132 13.22 -18.19 -1.49
CA PHE A 132 14.62 -18.40 -1.79
C PHE A 132 15.45 -17.42 -0.98
N PRO A 133 16.50 -17.88 -0.30
CA PRO A 133 17.31 -16.96 0.52
C PRO A 133 18.14 -16.04 -0.35
N LEU A 134 18.43 -14.86 0.19
CA LEU A 134 19.23 -13.84 -0.49
C LEU A 134 20.40 -13.48 0.39
N ALA A 135 21.60 -13.94 0.02
CA ALA A 135 22.83 -13.62 0.73
C ALA A 135 23.90 -13.21 -0.27
N PRO A 136 24.69 -12.18 0.04
CA PRO A 136 25.75 -11.71 -0.86
C PRO A 136 26.84 -12.75 -1.08
N GLY A 144 31.04 -2.93 6.92
CA GLY A 144 30.54 -2.23 8.09
C GLY A 144 29.04 -2.50 8.23
N THR A 145 28.39 -2.72 7.09
CA THR A 145 26.96 -2.92 6.96
C THR A 145 26.73 -4.00 5.93
N ALA A 146 25.83 -4.96 6.22
CA ALA A 146 25.56 -6.02 5.27
C ALA A 146 24.06 -6.09 4.99
N ALA A 147 23.70 -6.91 4.02
CA ALA A 147 22.30 -7.06 3.64
C ALA A 147 21.91 -8.53 3.59
N LEU A 148 20.64 -8.79 3.87
CA LEU A 148 20.10 -10.14 3.91
C LEU A 148 18.63 -10.10 3.55
N GLY A 149 18.16 -11.11 2.83
CA GLY A 149 16.77 -11.07 2.39
C GLY A 149 16.24 -12.42 1.98
N CYS A 150 14.93 -12.43 1.70
CA CYS A 150 14.22 -13.59 1.18
C CYS A 150 13.45 -13.18 -0.06
N LEU A 151 13.46 -14.03 -1.07
CA LEU A 151 12.72 -13.80 -2.31
C LEU A 151 11.49 -14.70 -2.32
N VAL A 152 10.31 -14.07 -2.30
CA VAL A 152 9.04 -14.77 -2.32
C VAL A 152 8.52 -14.71 -3.75
N LYS A 153 8.54 -15.86 -4.44
CA LYS A 153 8.40 -15.89 -5.89
C LYS A 153 7.20 -16.73 -6.31
N ASP A 154 6.51 -16.26 -7.36
CA ASP A 154 5.49 -17.02 -8.08
C ASP A 154 4.34 -17.44 -7.17
N TYR A 155 3.59 -16.44 -6.73
CA TYR A 155 2.39 -16.67 -5.92
C TYR A 155 1.25 -15.83 -6.45
N PHE A 156 0.03 -16.24 -6.10
CA PHE A 156 -1.19 -15.56 -6.49
C PHE A 156 -2.34 -16.03 -5.62
N PRO A 157 -3.18 -15.11 -5.10
CA PRO A 157 -3.01 -13.67 -5.30
C PRO A 157 -2.38 -13.00 -4.08
N GLU A 158 -2.36 -11.68 -4.07
CA GLU A 158 -1.92 -10.94 -2.91
C GLU A 158 -2.92 -11.11 -1.77
N PRO A 159 -2.53 -10.84 -0.52
CA PRO A 159 -1.20 -10.38 -0.06
C PRO A 159 -0.31 -11.47 0.49
N VAL A 160 0.85 -11.06 1.00
CA VAL A 160 1.79 -11.94 1.69
C VAL A 160 2.39 -11.17 2.85
N THR A 161 2.56 -11.86 3.97
CA THR A 161 3.10 -11.27 5.19
C THR A 161 4.50 -11.79 5.43
N VAL A 162 5.44 -10.89 5.68
CA VAL A 162 6.83 -11.25 5.93
C VAL A 162 7.28 -10.54 7.21
N SER A 163 7.73 -11.32 8.19
CA SER A 163 8.42 -10.82 9.36
C SER A 163 9.71 -11.63 9.52
N TRP A 164 10.63 -11.12 10.33
CA TRP A 164 12.01 -11.51 10.11
C TRP A 164 12.67 -12.35 11.19
N ASN A 165 12.26 -12.26 12.45
CA ASN A 165 12.66 -13.25 13.43
C ASN A 165 11.49 -13.38 14.40
N SER A 166 10.34 -13.71 13.81
CA SER A 166 9.05 -13.81 14.50
C SER A 166 8.66 -12.47 15.14
N GLY A 167 8.97 -11.37 14.42
CA GLY A 167 8.58 -10.04 14.83
C GLY A 167 9.57 -9.34 15.74
N SER A 168 10.67 -10.00 16.09
CA SER A 168 11.57 -9.52 17.13
C SER A 168 12.50 -8.43 16.60
N LEU A 169 13.02 -8.65 15.40
CA LEU A 169 13.90 -7.70 14.75
C LEU A 169 13.03 -6.90 13.80
N THR A 170 13.17 -5.58 13.80
CA THR A 170 12.33 -4.75 12.95
C THR A 170 13.08 -3.56 12.37
N SER A 171 14.13 -3.06 13.00
CA SER A 171 14.84 -1.91 12.46
C SER A 171 15.74 -2.31 11.28
N GLY A 172 15.67 -1.53 10.21
CA GLY A 172 16.40 -1.82 9.00
C GLY A 172 15.74 -2.81 8.07
N VAL A 173 14.48 -3.18 8.32
CA VAL A 173 13.75 -4.11 7.48
C VAL A 173 12.99 -3.34 6.41
N HIS A 174 13.03 -3.84 5.18
CA HIS A 174 12.23 -3.31 4.09
C HIS A 174 11.58 -4.48 3.36
N THR A 175 10.26 -4.53 3.38
CA THR A 175 9.50 -5.44 2.53
C THR A 175 8.99 -4.64 1.35
N PHE A 176 9.46 -4.97 0.16
CA PHE A 176 9.18 -4.16 -1.01
C PHE A 176 7.79 -4.46 -1.57
N PRO A 177 7.17 -3.49 -2.25
CA PRO A 177 5.90 -3.77 -2.93
C PRO A 177 6.07 -4.91 -3.92
N ALA A 178 5.05 -5.77 -3.98
CA ALA A 178 5.11 -6.93 -4.87
C ALA A 178 5.03 -6.48 -6.32
N VAL A 179 5.76 -7.18 -7.19
CA VAL A 179 5.77 -6.90 -8.62
C VAL A 179 4.92 -7.95 -9.31
N LEU A 180 4.34 -7.57 -10.44
CA LEU A 180 3.55 -8.47 -11.28
C LEU A 180 4.40 -8.88 -12.47
N GLN A 181 4.71 -10.16 -12.57
CA GLN A 181 5.60 -10.66 -13.61
C GLN A 181 4.84 -10.87 -14.92
N SER A 182 5.57 -11.34 -15.94
CA SER A 182 4.94 -11.65 -17.20
C SER A 182 4.05 -12.88 -17.11
N SER A 183 4.38 -13.79 -16.20
CA SER A 183 3.67 -15.06 -16.08
C SER A 183 2.28 -14.92 -15.48
N GLY A 184 1.93 -13.76 -14.95
CA GLY A 184 0.69 -13.59 -14.22
C GLY A 184 0.80 -13.87 -12.74
N LEU A 185 2.00 -14.04 -12.22
CA LEU A 185 2.25 -14.33 -10.82
C LEU A 185 3.02 -13.18 -10.19
N TYR A 186 3.06 -13.18 -8.86
CA TYR A 186 3.73 -12.13 -8.11
C TYR A 186 5.08 -12.59 -7.59
N SER A 187 6.03 -11.66 -7.52
CA SER A 187 7.35 -11.90 -6.97
C SER A 187 7.63 -10.85 -5.90
N LEU A 188 8.06 -11.31 -4.74
CA LEU A 188 8.25 -10.45 -3.57
C LEU A 188 9.66 -10.62 -3.01
N SER A 189 10.23 -9.52 -2.54
CA SER A 189 11.52 -9.51 -1.87
C SER A 189 11.43 -8.70 -0.59
N SER A 190 11.98 -9.26 0.49
CA SER A 190 12.03 -8.58 1.78
C SER A 190 13.45 -8.67 2.30
N VAL A 191 14.08 -7.52 2.53
CA VAL A 191 15.47 -7.46 2.94
C VAL A 191 15.56 -6.85 4.33
N VAL A 192 16.77 -6.87 4.87
CA VAL A 192 17.09 -6.24 6.16
C VAL A 192 18.56 -5.88 6.18
N THR A 193 18.87 -4.64 6.55
CA THR A 193 20.27 -4.23 6.69
C THR A 193 20.79 -4.65 8.06
N VAL A 194 22.02 -5.15 8.07
CA VAL A 194 22.57 -5.85 9.22
C VAL A 194 24.01 -5.40 9.41
N PRO A 195 24.50 -5.27 10.65
CA PRO A 195 25.92 -4.94 10.86
C PRO A 195 26.81 -6.01 10.25
N SER A 196 28.00 -5.57 9.81
CA SER A 196 28.90 -6.46 9.09
C SER A 196 29.26 -7.68 9.91
N SER A 197 29.69 -7.48 11.16
CA SER A 197 30.11 -8.59 12.02
C SER A 197 28.87 -9.22 12.67
N SER A 198 28.05 -9.85 11.82
CA SER A 198 26.83 -10.50 12.29
C SER A 198 26.47 -11.66 11.38
N LEU A 199 27.20 -11.81 10.26
CA LEU A 199 26.98 -12.92 9.34
C LEU A 199 27.64 -14.16 9.93
N GLY A 200 26.96 -14.74 10.92
CA GLY A 200 27.48 -15.88 11.63
C GLY A 200 27.18 -15.82 13.12
N THR A 201 27.26 -14.62 13.69
CA THR A 201 26.98 -14.46 15.12
C THR A 201 25.49 -14.60 15.40
N GLN A 202 24.64 -14.06 14.53
CA GLN A 202 23.19 -14.08 14.70
C GLN A 202 22.56 -14.70 13.45
N THR A 203 21.61 -15.60 13.67
CA THR A 203 20.92 -16.28 12.58
C THR A 203 19.64 -15.55 12.24
N TYR A 204 19.24 -15.64 10.97
CA TYR A 204 18.11 -14.88 10.45
C TYR A 204 17.11 -15.82 9.78
N VAL A 205 15.83 -15.68 10.14
CA VAL A 205 14.77 -16.56 9.64
C VAL A 205 13.54 -15.75 9.22
N CYS A 206 13.38 -15.55 7.92
CA CYS A 206 12.23 -14.78 7.43
C CYS A 206 10.94 -15.60 7.57
N ASN A 207 9.90 -14.97 8.11
CA ASN A 207 8.61 -15.63 8.36
C ASN A 207 7.63 -15.16 7.29
N VAL A 208 7.46 -15.96 6.25
CA VAL A 208 6.59 -15.64 5.12
C VAL A 208 5.39 -16.57 5.16
N ASN A 209 4.19 -16.00 5.17
CA ASN A 209 2.96 -16.77 5.16
C ASN A 209 2.03 -16.22 4.10
N HIS A 210 1.35 -17.12 3.38
CA HIS A 210 0.45 -16.78 2.29
C HIS A 210 -0.90 -17.43 2.59
N LYS A 211 -1.84 -16.64 3.12
CA LYS A 211 -3.13 -17.17 3.53
C LYS A 211 -3.87 -17.87 2.39
N PRO A 212 -3.99 -17.30 1.18
CA PRO A 212 -4.80 -17.97 0.14
C PRO A 212 -4.34 -19.38 -0.19
N SER A 213 -3.06 -19.69 -0.04
CA SER A 213 -2.53 -21.01 -0.33
C SER A 213 -2.11 -21.78 0.91
N ASN A 214 -2.25 -21.19 2.10
CA ASN A 214 -1.91 -21.85 3.36
C ASN A 214 -0.44 -22.29 3.36
N THR A 215 0.44 -21.32 3.15
CA THR A 215 1.88 -21.57 3.04
C THR A 215 2.58 -20.86 4.19
N LYS A 216 2.89 -21.61 5.25
CA LYS A 216 3.60 -21.09 6.41
C LYS A 216 5.00 -21.68 6.41
N VAL A 217 6.01 -20.86 6.08
CA VAL A 217 7.39 -21.32 5.95
C VAL A 217 8.29 -20.34 6.68
N ASP A 218 9.18 -20.87 7.54
CA ASP A 218 10.21 -20.09 8.20
C ASP A 218 11.53 -20.45 7.54
N LYS A 219 12.02 -19.54 6.71
CA LYS A 219 13.24 -19.76 5.94
C LYS A 219 14.41 -19.06 6.62
N LYS A 220 15.47 -19.84 6.84
CA LYS A 220 16.70 -19.45 7.50
C LYS A 220 17.77 -19.28 6.44
N VAL A 221 18.62 -18.25 6.61
CA VAL A 221 19.48 -17.76 5.55
C VAL A 221 20.92 -18.17 5.83
N GLU A 222 21.62 -18.50 4.75
CA GLU A 222 23.00 -18.97 4.74
C GLU A 222 23.27 -20.03 5.80
N GLU B 1 -23.94 12.76 -8.66
CA GLU B 1 -22.50 13.03 -8.73
C GLU B 1 -22.18 14.49 -8.41
N ILE B 2 -21.15 14.67 -7.57
CA ILE B 2 -20.54 15.96 -7.32
C ILE B 2 -19.04 15.70 -7.37
N VAL B 3 -18.41 16.02 -8.50
CA VAL B 3 -17.01 15.67 -8.68
C VAL B 3 -16.14 16.52 -7.76
N MET B 4 -15.28 15.85 -6.99
CA MET B 4 -14.34 16.49 -6.09
C MET B 4 -12.93 16.30 -6.66
N THR B 5 -12.24 17.42 -6.91
CA THR B 5 -10.91 17.40 -7.50
C THR B 5 -9.95 18.14 -6.59
N GLN B 6 -8.79 17.55 -6.34
CA GLN B 6 -7.78 18.09 -5.45
C GLN B 6 -6.56 18.56 -6.23
N SER B 7 -5.83 19.51 -5.64
CA SER B 7 -4.63 20.04 -6.23
C SER B 7 -3.73 20.56 -5.13
N PRO B 8 -2.40 20.38 -5.25
CA PRO B 8 -1.75 19.73 -6.39
C PRO B 8 -1.80 18.21 -6.29
N ALA B 9 -1.28 17.52 -7.30
CA ALA B 9 -1.21 16.06 -7.23
C ALA B 9 -0.16 15.61 -6.23
N THR B 10 0.98 16.29 -6.21
CA THR B 10 2.08 15.93 -5.32
C THR B 10 2.65 17.18 -4.67
N LEU B 11 3.22 17.00 -3.48
CA LEU B 11 3.93 18.05 -2.77
C LEU B 11 5.28 17.51 -2.30
N SER B 12 6.23 18.43 -2.12
CA SER B 12 7.52 18.10 -1.53
C SER B 12 7.99 19.34 -0.77
N LEU B 13 7.82 19.32 0.55
CA LEU B 13 8.22 20.42 1.41
C LEU B 13 9.03 19.88 2.59
N SER B 14 9.92 20.72 3.12
CA SER B 14 10.71 20.37 4.27
C SER B 14 9.90 20.54 5.55
N PRO B 15 10.34 19.91 6.64
CA PRO B 15 9.68 20.14 7.94
C PRO B 15 9.82 21.61 8.35
N GLY B 16 8.74 22.14 8.93
CA GLY B 16 8.76 23.52 9.41
C GLY B 16 7.86 24.45 8.62
N GLU B 17 7.90 24.35 7.29
CA GLU B 17 7.04 25.16 6.45
C GLU B 17 5.70 24.49 6.24
N ARG B 18 4.69 25.29 5.95
CA ARG B 18 3.33 24.79 5.85
C ARG B 18 3.01 24.34 4.42
N ALA B 19 2.14 23.35 4.33
CA ALA B 19 1.66 22.82 3.06
C ALA B 19 0.18 23.15 2.91
N THR B 20 -0.18 23.67 1.74
CA THR B 20 -1.55 24.07 1.45
C THR B 20 -2.13 23.10 0.42
N LEU B 21 -3.04 22.24 0.87
CA LEU B 21 -3.71 21.29 0.01
C LEU B 21 -5.09 21.83 -0.35
N SER B 22 -5.36 21.94 -1.64
CA SER B 22 -6.58 22.55 -2.14
C SER B 22 -7.62 21.49 -2.50
N CYS B 23 -8.86 21.92 -2.62
CA CYS B 23 -9.97 21.01 -2.89
C CYS B 23 -11.12 21.79 -3.51
N ARG B 24 -11.54 21.40 -4.70
CA ARG B 24 -12.60 22.07 -5.43
C ARG B 24 -13.78 21.12 -5.59
N ALA B 25 -14.99 21.67 -5.48
CA ALA B 25 -16.22 20.90 -5.66
C ALA B 25 -16.96 21.40 -6.89
N SER B 26 -17.73 20.50 -7.51
CA SER B 26 -18.53 20.85 -8.67
C SER B 26 -19.59 21.87 -8.31
N GLN B 27 -20.56 21.47 -7.50
CA GLN B 27 -21.58 22.35 -6.97
C GLN B 27 -21.21 22.78 -5.55
N SER B 28 -21.82 23.88 -5.10
CA SER B 28 -21.65 24.33 -3.73
C SER B 28 -22.13 23.25 -2.76
N VAL B 29 -21.36 23.04 -1.70
CA VAL B 29 -21.68 21.96 -0.77
C VAL B 29 -21.68 22.48 0.67
N SER B 30 -21.71 23.79 0.82
CA SER B 30 -21.72 24.45 2.14
C SER B 30 -20.44 24.02 2.86
N SER B 31 -20.51 23.56 4.11
CA SER B 31 -19.34 23.10 4.85
C SER B 31 -19.32 21.59 5.02
N ARG B 32 -20.15 20.86 4.28
CA ARG B 32 -20.30 19.42 4.44
C ARG B 32 -19.12 18.70 3.79
N LEU B 33 -17.96 18.84 4.42
CA LEU B 33 -16.72 18.31 3.87
C LEU B 33 -15.81 17.83 4.99
N ALA B 34 -15.04 16.78 4.69
CA ALA B 34 -14.10 16.20 5.63
C ALA B 34 -12.74 16.04 4.95
N TRP B 35 -11.70 15.91 5.78
CA TRP B 35 -10.36 15.65 5.32
C TRP B 35 -9.84 14.38 5.99
N TYR B 36 -9.22 13.50 5.20
CA TYR B 36 -8.69 12.24 5.70
C TYR B 36 -7.21 12.15 5.39
N GLN B 37 -6.50 11.43 6.26
CA GLN B 37 -5.09 11.12 6.07
C GLN B 37 -4.94 9.61 5.94
N GLN B 38 -4.22 9.17 4.91
CA GLN B 38 -3.95 7.75 4.70
C GLN B 38 -2.45 7.55 4.63
N LYS B 39 -1.86 7.18 5.77
CA LYS B 39 -0.46 6.80 5.80
C LYS B 39 -0.26 5.55 4.93
N PRO B 40 0.88 5.43 4.25
CA PRO B 40 1.10 4.27 3.38
C PRO B 40 0.95 2.95 4.13
N GLY B 41 0.13 2.07 3.57
CA GLY B 41 -0.11 0.78 4.19
C GLY B 41 -1.06 0.79 5.37
N GLN B 42 -1.88 1.83 5.51
CA GLN B 42 -2.80 1.94 6.62
C GLN B 42 -4.17 2.41 6.12
N ALA B 43 -5.15 2.32 7.01
CA ALA B 43 -6.51 2.78 6.73
C ALA B 43 -6.60 4.29 6.95
N PRO B 44 -7.54 4.95 6.26
CA PRO B 44 -7.65 6.41 6.41
C PRO B 44 -8.08 6.81 7.82
N ARG B 45 -7.62 7.98 8.24
CA ARG B 45 -7.98 8.57 9.52
C ARG B 45 -8.64 9.92 9.29
N LEU B 46 -9.70 10.19 10.04
CA LEU B 46 -10.43 11.45 9.91
C LEU B 46 -9.63 12.59 10.55
N LEU B 47 -9.38 13.64 9.77
CA LEU B 47 -8.65 14.81 10.25
C LEU B 47 -9.57 16.00 10.54
N ILE B 48 -10.36 16.41 9.55
CA ILE B 48 -11.24 17.56 9.68
C ILE B 48 -12.65 17.12 9.31
N TYR B 49 -13.64 17.68 10.01
CA TYR B 49 -15.03 17.50 9.63
C TYR B 49 -15.72 18.87 9.67
N ASP B 50 -16.81 18.99 8.90
CA ASP B 50 -17.55 20.25 8.78
C ASP B 50 -16.67 21.37 8.25
N ALA B 51 -15.69 21.00 7.41
CA ALA B 51 -14.80 21.91 6.69
C ALA B 51 -13.73 22.54 7.58
N SER B 52 -14.08 22.99 8.79
CA SER B 52 -13.14 23.78 9.57
C SER B 52 -12.90 23.26 10.98
N ASN B 53 -13.30 22.03 11.30
CA ASN B 53 -13.15 21.48 12.65
C ASN B 53 -12.13 20.35 12.66
N ARG B 54 -11.15 20.47 13.56
CA ARG B 54 -10.18 19.42 13.81
C ARG B 54 -10.83 18.33 14.66
N ALA B 55 -10.70 17.08 14.20
CA ALA B 55 -11.25 15.96 14.93
C ALA B 55 -10.44 15.70 16.20
N THR B 56 -10.96 14.80 17.04
CA THR B 56 -10.30 14.50 18.29
C THR B 56 -8.99 13.76 18.06
N GLY B 57 -8.00 14.04 18.90
CA GLY B 57 -6.71 13.38 18.79
C GLY B 57 -5.91 13.72 17.56
N ILE B 58 -6.04 14.95 17.05
CA ILE B 58 -5.35 15.39 15.85
C ILE B 58 -4.42 16.52 16.23
N PRO B 59 -3.16 16.53 15.79
CA PRO B 59 -2.27 17.65 16.11
C PRO B 59 -2.82 18.97 15.59
N ASP B 60 -2.51 20.04 16.32
CA ASP B 60 -3.04 21.36 15.98
C ASP B 60 -2.45 21.92 14.70
N ARG B 61 -1.42 21.28 14.14
CA ARG B 61 -0.86 21.78 12.89
C ARG B 61 -1.79 21.54 11.70
N PHE B 62 -2.79 20.68 11.85
CA PHE B 62 -3.77 20.44 10.79
C PHE B 62 -4.94 21.41 10.95
N SER B 63 -5.29 22.10 9.88
CA SER B 63 -6.39 23.05 9.88
C SER B 63 -7.24 22.84 8.64
N GLY B 64 -8.52 23.15 8.76
CA GLY B 64 -9.45 23.11 7.64
C GLY B 64 -10.14 24.45 7.48
N SER B 65 -10.37 24.84 6.23
CA SER B 65 -11.03 26.10 5.94
C SER B 65 -11.65 26.01 4.56
N GLY B 66 -12.66 26.86 4.34
CA GLY B 66 -13.33 26.91 3.05
C GLY B 66 -14.84 26.71 3.18
N SER B 67 -15.57 27.29 2.22
CA SER B 67 -17.02 27.20 2.21
C SER B 67 -17.51 27.37 0.77
N GLY B 68 -18.49 26.56 0.40
CA GLY B 68 -19.02 26.60 -0.95
C GLY B 68 -18.39 25.56 -1.87
N THR B 69 -17.50 26.01 -2.75
CA THR B 69 -16.83 25.12 -3.69
C THR B 69 -15.32 25.03 -3.47
N GLU B 70 -14.73 25.93 -2.70
CA GLU B 70 -13.29 25.97 -2.49
C GLU B 70 -12.97 25.68 -1.04
N PHE B 71 -12.05 24.72 -0.81
CA PHE B 71 -11.65 24.33 0.53
C PHE B 71 -10.14 24.19 0.56
N THR B 72 -9.59 24.16 1.78
CA THR B 72 -8.14 24.14 1.96
C THR B 72 -7.79 23.37 3.22
N LEU B 73 -6.83 22.46 3.12
CA LEU B 73 -6.23 21.78 4.25
C LEU B 73 -4.82 22.32 4.44
N THR B 74 -4.54 22.82 5.64
CA THR B 74 -3.25 23.44 5.95
C THR B 74 -2.54 22.62 7.01
N ILE B 75 -1.25 22.37 6.81
CA ILE B 75 -0.41 21.67 7.77
C ILE B 75 0.69 22.65 8.17
N SER B 76 0.45 23.42 9.22
CA SER B 76 1.41 24.42 9.68
C SER B 76 2.62 23.73 10.30
N GLY B 77 3.71 23.68 9.55
CA GLY B 77 4.92 23.06 10.05
C GLY B 77 4.93 21.55 9.91
N LEU B 78 5.43 21.06 8.78
CA LEU B 78 5.44 19.63 8.51
C LEU B 78 6.36 18.91 9.48
N GLU B 79 6.05 17.63 9.72
CA GLU B 79 6.88 16.72 10.49
C GLU B 79 7.19 15.48 9.66
N PRO B 80 8.29 14.79 9.96
CA PRO B 80 8.63 13.59 9.17
C PRO B 80 7.52 12.56 9.10
N GLU B 81 6.71 12.42 10.14
CA GLU B 81 5.63 11.44 10.17
C GLU B 81 4.42 11.86 9.34
N ASP B 82 4.47 13.01 8.67
CA ASP B 82 3.32 13.51 7.92
C ASP B 82 3.23 12.96 6.51
N VAL B 83 4.15 12.08 6.11
CA VAL B 83 4.09 11.50 4.77
C VAL B 83 2.83 10.63 4.66
N ALA B 84 1.95 10.99 3.72
CA ALA B 84 0.70 10.29 3.52
C ALA B 84 0.02 10.87 2.28
N VAL B 85 -1.10 10.25 1.90
CA VAL B 85 -2.02 10.79 0.90
C VAL B 85 -3.20 11.38 1.65
N TYR B 86 -3.66 12.54 1.19
CA TYR B 86 -4.74 13.26 1.85
C TYR B 86 -5.96 13.31 0.94
N PHE B 87 -7.13 13.04 1.50
CA PHE B 87 -8.36 12.92 0.73
C PHE B 87 -9.38 13.93 1.18
N CYS B 88 -9.91 14.67 0.22
CA CYS B 88 -11.05 15.55 0.42
C CYS B 88 -12.33 14.73 0.22
N GLN B 89 -13.36 15.03 1.01
CA GLN B 89 -14.57 14.22 0.93
C GLN B 89 -15.80 15.06 1.17
N GLU B 90 -16.77 14.91 0.26
CA GLU B 90 -18.06 15.57 0.32
C GLU B 90 -19.09 14.58 0.85
N ASP B 91 -20.06 15.08 1.62
CA ASP B 91 -21.10 14.21 2.16
C ASP B 91 -22.43 14.95 2.18
N HIS B 92 -23.37 14.49 1.34
CA HIS B 92 -24.77 14.68 1.65
C HIS B 92 -25.15 13.44 2.45
N ASN B 93 -25.93 12.52 1.87
CA ASN B 93 -25.87 11.15 2.36
C ASN B 93 -25.28 10.22 1.33
N TRP B 94 -25.04 10.74 0.12
CA TRP B 94 -24.07 10.21 -0.83
C TRP B 94 -22.69 10.81 -0.53
N SER B 95 -21.66 9.98 -0.57
CA SER B 95 -20.31 10.41 -0.28
C SER B 95 -19.46 10.39 -1.55
N THR B 96 -18.62 11.41 -1.70
CA THR B 96 -17.77 11.54 -2.89
C THR B 96 -16.39 11.97 -2.44
N PHE B 97 -15.40 11.13 -2.72
CA PHE B 97 -14.03 11.40 -2.35
C PHE B 97 -13.28 12.07 -3.48
N GLY B 98 -12.28 12.87 -3.11
CA GLY B 98 -11.37 13.42 -4.08
C GLY B 98 -10.40 12.36 -4.58
N GLN B 99 -9.57 12.76 -5.54
CA GLN B 99 -8.60 11.85 -6.12
C GLN B 99 -7.34 11.73 -5.27
N GLY B 100 -7.15 12.60 -4.28
CA GLY B 100 -6.05 12.49 -3.36
C GLY B 100 -4.91 13.45 -3.69
N THR B 101 -4.00 13.59 -2.73
CA THR B 101 -2.82 14.42 -2.88
C THR B 101 -1.68 13.77 -2.11
N LYS B 102 -0.62 13.40 -2.81
CA LYS B 102 0.55 12.81 -2.17
C LYS B 102 1.40 13.92 -1.57
N VAL B 103 1.65 13.83 -0.26
CA VAL B 103 2.55 14.74 0.42
C VAL B 103 3.85 13.99 0.70
N GLU B 104 4.95 14.52 0.16
CA GLU B 104 6.28 14.01 0.44
C GLU B 104 7.04 15.05 1.24
N ILE B 105 7.73 14.61 2.29
CA ILE B 105 8.54 15.52 3.10
C ILE B 105 9.96 15.46 2.57
N LYS B 106 10.45 16.57 2.03
CA LYS B 106 11.77 16.57 1.41
C LYS B 106 12.87 16.50 2.46
N ARG B 107 13.94 15.82 2.10
CA ARG B 107 14.97 15.38 3.03
C ARG B 107 16.33 15.76 2.46
N ALA B 108 17.35 15.67 3.32
CA ALA B 108 18.72 15.82 2.85
C ALA B 108 19.06 14.72 1.84
N VAL B 109 19.91 15.06 0.88
CA VAL B 109 20.30 14.11 -0.15
C VAL B 109 21.09 12.98 0.50
N ALA B 110 20.60 11.75 0.35
CA ALA B 110 21.22 10.57 0.94
C ALA B 110 21.52 9.56 -0.16
N ALA B 111 22.77 9.09 -0.21
CA ALA B 111 23.17 8.11 -1.20
C ALA B 111 22.71 6.71 -0.79
N PRO B 112 22.37 5.86 -1.76
CA PRO B 112 21.92 4.52 -1.42
C PRO B 112 23.07 3.58 -1.09
N SER B 113 22.79 2.65 -0.17
CA SER B 113 23.67 1.52 0.06
C SER B 113 23.31 0.43 -0.94
N VAL B 114 24.23 0.13 -1.84
CA VAL B 114 23.97 -0.82 -2.92
C VAL B 114 24.43 -2.21 -2.49
N PHE B 115 23.55 -3.19 -2.67
CA PHE B 115 23.85 -4.58 -2.43
C PHE B 115 23.33 -5.42 -3.59
N ILE B 116 24.06 -6.47 -3.94
CA ILE B 116 23.66 -7.39 -4.99
C ILE B 116 23.62 -8.79 -4.41
N PHE B 117 22.62 -9.57 -4.81
CA PHE B 117 22.42 -10.91 -4.28
C PHE B 117 22.53 -11.94 -5.41
N PRO B 118 23.50 -12.85 -5.37
CA PRO B 118 23.52 -13.95 -6.33
C PRO B 118 22.35 -14.89 -6.07
N PRO B 119 21.94 -15.66 -7.08
CA PRO B 119 20.84 -16.60 -6.86
C PRO B 119 21.26 -17.75 -5.95
N SER B 120 20.27 -18.34 -5.28
CA SER B 120 20.52 -19.49 -4.43
C SER B 120 20.68 -20.74 -5.29
N GLU B 121 21.41 -21.72 -4.74
CA GLU B 121 21.60 -22.98 -5.46
C GLU B 121 20.30 -23.75 -5.59
N ASP B 122 19.42 -23.68 -4.59
CA ASP B 122 18.10 -24.29 -4.72
C ASP B 122 17.32 -23.70 -5.88
N GLN B 123 17.60 -22.43 -6.22
CA GLN B 123 16.87 -21.76 -7.29
C GLN B 123 17.36 -22.14 -8.67
N VAL B 124 18.67 -22.41 -8.82
CA VAL B 124 19.18 -22.85 -10.11
C VAL B 124 18.73 -24.28 -10.42
N LYS B 125 18.30 -25.03 -9.40
CA LYS B 125 17.73 -26.36 -9.64
C LYS B 125 16.45 -26.26 -10.46
N SER B 126 15.66 -25.21 -10.25
CA SER B 126 14.38 -25.08 -10.93
C SER B 126 14.55 -24.74 -12.40
N GLY B 127 15.61 -24.02 -12.76
CA GLY B 127 15.85 -23.60 -14.12
C GLY B 127 15.65 -22.13 -14.37
N THR B 128 15.10 -21.39 -13.40
CA THR B 128 14.94 -19.95 -13.50
C THR B 128 15.76 -19.28 -12.40
N VAL B 129 16.53 -18.27 -12.76
CA VAL B 129 17.51 -17.64 -11.88
C VAL B 129 17.19 -16.16 -11.78
N SER B 130 17.15 -15.65 -10.55
CA SER B 130 16.95 -14.23 -10.28
C SER B 130 18.13 -13.70 -9.49
N VAL B 131 18.66 -12.55 -9.90
CA VAL B 131 19.68 -11.83 -9.17
C VAL B 131 19.10 -10.48 -8.76
N VAL B 132 19.19 -10.17 -7.47
CA VAL B 132 18.52 -9.01 -6.89
C VAL B 132 19.55 -7.92 -6.61
N CYS B 133 19.23 -6.69 -7.00
CA CYS B 133 20.03 -5.52 -6.69
C CYS B 133 19.26 -4.67 -5.68
N LEU B 134 19.92 -4.31 -4.59
CA LEU B 134 19.27 -3.65 -3.46
C LEU B 134 19.84 -2.24 -3.27
N LEU B 135 18.95 -1.26 -3.17
CA LEU B 135 19.30 0.11 -2.82
C LEU B 135 18.63 0.44 -1.49
N ASN B 136 19.38 1.06 -0.59
CA ASN B 136 18.96 1.22 0.79
C ASN B 136 19.01 2.69 1.21
N ASN B 137 17.86 3.22 1.64
CA ASN B 137 17.77 4.49 2.37
C ASN B 137 18.41 5.64 1.60
N PHE B 138 17.88 5.89 0.40
CA PHE B 138 18.36 6.97 -0.43
C PHE B 138 17.28 8.04 -0.61
N TYR B 139 17.73 9.24 -0.94
CA TYR B 139 16.87 10.37 -1.26
C TYR B 139 17.69 11.24 -2.20
N PRO B 140 17.09 11.74 -3.30
CA PRO B 140 15.68 11.68 -3.67
C PRO B 140 15.22 10.34 -4.22
N ARG B 141 13.95 10.28 -4.63
CA ARG B 141 13.36 9.01 -5.05
C ARG B 141 13.88 8.58 -6.42
N GLU B 142 14.11 9.52 -7.31
CA GLU B 142 14.51 9.19 -8.68
C GLU B 142 15.89 8.56 -8.69
N ALA B 143 16.02 7.43 -9.40
CA ALA B 143 17.27 6.70 -9.43
C ALA B 143 17.31 5.84 -10.69
N SER B 144 18.53 5.50 -11.10
CA SER B 144 18.79 4.67 -12.27
C SER B 144 19.43 3.36 -11.83
N VAL B 145 18.96 2.26 -12.42
CA VAL B 145 19.52 0.94 -12.16
C VAL B 145 19.80 0.29 -13.51
N LYS B 146 21.08 0.07 -13.80
CA LYS B 146 21.51 -0.62 -15.01
C LYS B 146 21.94 -2.03 -14.65
N TRP B 147 21.48 -3.00 -15.43
CA TRP B 147 21.91 -4.39 -15.30
C TRP B 147 22.89 -4.72 -16.43
N LYS B 148 24.04 -5.26 -16.07
CA LYS B 148 25.06 -5.62 -17.04
C LYS B 148 25.44 -7.09 -16.83
N VAL B 149 25.43 -7.86 -17.91
CA VAL B 149 25.77 -9.27 -17.91
C VAL B 149 27.10 -9.42 -18.63
N ASP B 150 28.18 -9.65 -17.86
CA ASP B 150 29.53 -9.80 -18.40
C ASP B 150 29.92 -8.58 -19.23
N GLY B 151 29.50 -7.40 -18.79
CA GLY B 151 29.89 -6.17 -19.44
C GLY B 151 28.81 -5.55 -20.31
N VAL B 152 28.05 -6.38 -21.02
CA VAL B 152 27.03 -5.88 -21.93
C VAL B 152 25.79 -5.51 -21.14
N LEU B 153 25.10 -4.46 -21.57
CA LEU B 153 23.89 -4.02 -20.89
C LEU B 153 22.75 -4.97 -21.23
N LYS B 154 21.97 -5.32 -20.21
CA LYS B 154 20.83 -6.24 -20.35
C LYS B 154 19.56 -5.48 -20.00
N THR B 155 18.85 -5.02 -21.02
CA THR B 155 17.65 -4.21 -20.85
C THR B 155 16.46 -4.97 -21.40
N GLY B 156 15.45 -5.21 -20.56
CA GLY B 156 14.25 -5.87 -21.00
C GLY B 156 13.80 -7.01 -20.10
N ASN B 157 14.65 -7.41 -19.16
CA ASN B 157 14.39 -8.57 -18.31
C ASN B 157 14.58 -8.25 -16.84
N SER B 158 14.22 -7.03 -16.43
CA SER B 158 14.34 -6.64 -15.03
C SER B 158 13.11 -5.84 -14.62
N GLN B 159 12.79 -5.90 -13.33
CA GLN B 159 11.67 -5.17 -12.76
C GLN B 159 12.10 -4.53 -11.45
N GLU B 160 11.63 -3.30 -11.22
CA GLU B 160 11.93 -2.54 -10.02
C GLU B 160 10.72 -2.48 -9.11
N SER B 161 10.99 -2.20 -7.83
CA SER B 161 9.94 -2.00 -6.85
C SER B 161 10.46 -1.06 -5.77
N VAL B 162 9.85 0.11 -5.63
CA VAL B 162 10.27 1.13 -4.67
C VAL B 162 9.26 1.16 -3.54
N THR B 163 9.74 1.14 -2.31
CA THR B 163 8.88 1.22 -1.15
C THR B 163 8.31 2.63 -0.99
N GLU B 164 7.37 2.76 -0.07
CA GLU B 164 6.89 4.08 0.31
C GLU B 164 7.97 4.84 1.07
N GLN B 165 7.85 6.16 1.09
CA GLN B 165 8.77 6.97 1.88
C GLN B 165 8.60 6.65 3.36
N ASP B 166 9.72 6.44 4.03
CA ASP B 166 9.67 6.10 5.45
C ASP B 166 9.13 7.27 6.26
N SER B 167 8.33 6.95 7.28
CA SER B 167 7.75 7.98 8.14
C SER B 167 8.69 8.44 9.24
N LYS B 168 9.91 7.90 9.30
CA LYS B 168 10.90 8.33 10.28
C LYS B 168 12.04 9.10 9.63
N ASP B 169 12.78 8.46 8.71
CA ASP B 169 13.92 9.10 8.06
C ASP B 169 13.59 9.69 6.70
N ASN B 170 12.39 9.44 6.17
CA ASN B 170 11.96 9.97 4.88
C ASN B 170 12.92 9.58 3.76
N THR B 171 13.20 8.29 3.65
CA THR B 171 14.04 7.76 2.58
C THR B 171 13.26 6.70 1.81
N TYR B 172 13.88 6.23 0.73
CA TYR B 172 13.31 5.20 -0.12
C TYR B 172 14.28 4.03 -0.22
N SER B 173 13.75 2.89 -0.65
CA SER B 173 14.55 1.71 -0.90
C SER B 173 14.02 1.02 -2.15
N LEU B 174 14.91 0.68 -3.06
CA LEU B 174 14.56 0.09 -4.34
C LEU B 174 15.12 -1.32 -4.42
N SER B 175 14.37 -2.21 -5.08
CA SER B 175 14.77 -3.60 -5.27
C SER B 175 14.54 -3.96 -6.74
N SER B 176 15.63 -4.23 -7.46
CA SER B 176 15.59 -4.63 -8.85
C SER B 176 15.91 -6.11 -8.95
N THR B 177 15.07 -6.84 -9.71
CA THR B 177 15.24 -8.28 -9.88
C THR B 177 15.48 -8.57 -11.36
N LEU B 178 16.63 -9.16 -11.66
CA LEU B 178 17.00 -9.54 -13.02
C LEU B 178 16.81 -11.04 -13.17
N THR B 179 15.87 -11.44 -14.02
CA THR B 179 15.48 -12.83 -14.17
C THR B 179 16.09 -13.44 -15.43
N LEU B 180 16.75 -14.58 -15.27
CA LEU B 180 17.32 -15.32 -16.39
C LEU B 180 17.05 -16.80 -16.22
N SER B 181 17.36 -17.58 -17.25
CA SER B 181 17.22 -19.02 -17.20
C SER B 181 18.50 -19.67 -16.69
N ASN B 182 18.41 -20.96 -16.40
CA ASN B 182 19.56 -21.69 -15.89
C ASN B 182 20.69 -21.74 -16.92
N THR B 183 20.35 -22.10 -18.16
CA THR B 183 21.38 -22.19 -19.20
C THR B 183 21.93 -20.83 -19.58
N ASP B 184 21.11 -19.78 -19.45
CA ASP B 184 21.60 -18.44 -19.78
C ASP B 184 22.46 -17.86 -18.65
N TYR B 185 22.10 -18.15 -17.40
CA TYR B 185 22.88 -17.65 -16.27
C TYR B 185 24.21 -18.40 -16.15
N GLN B 186 24.20 -19.71 -16.38
CA GLN B 186 25.39 -20.53 -16.31
C GLN B 186 26.25 -20.43 -17.57
N SER B 187 25.94 -19.48 -18.46
CA SER B 187 26.73 -19.23 -19.66
C SER B 187 27.51 -17.94 -19.60
N HIS B 188 27.39 -17.17 -18.52
CA HIS B 188 28.16 -15.96 -18.31
C HIS B 188 28.79 -16.00 -16.92
N ASN B 189 29.76 -15.12 -16.71
CA ASN B 189 30.52 -15.11 -15.45
C ASN B 189 30.04 -14.02 -14.50
N VAL B 190 30.41 -12.77 -14.78
CA VAL B 190 30.21 -11.67 -13.84
C VAL B 190 28.86 -11.01 -14.10
N TYR B 191 28.14 -10.72 -13.02
CA TYR B 191 26.87 -10.01 -13.07
C TYR B 191 26.94 -8.82 -12.13
N ALA B 192 26.51 -7.65 -12.62
CA ALA B 192 26.63 -6.42 -11.86
C ALA B 192 25.38 -5.56 -12.06
N CYS B 193 25.17 -4.65 -11.12
CA CYS B 193 24.15 -3.61 -11.25
C CYS B 193 24.78 -2.27 -10.94
N GLU B 194 24.63 -1.32 -11.86
CA GLU B 194 25.18 0.01 -11.73
C GLU B 194 24.06 1.00 -11.44
N VAL B 195 24.22 1.79 -10.38
CA VAL B 195 23.21 2.75 -9.98
C VAL B 195 23.76 4.16 -10.16
N THR B 196 22.88 5.08 -10.53
CA THR B 196 23.20 6.49 -10.64
C THR B 196 22.23 7.27 -9.75
N HIS B 197 22.78 8.19 -8.95
CA HIS B 197 21.98 8.90 -7.96
C HIS B 197 22.53 10.31 -7.80
N GLN B 198 21.68 11.22 -7.33
CA GLN B 198 22.11 12.59 -7.12
C GLN B 198 23.18 12.68 -6.03
N GLY B 199 23.09 11.84 -5.01
CA GLY B 199 24.05 11.79 -3.94
C GLY B 199 25.35 11.07 -4.26
N LEU B 200 25.60 10.78 -5.54
CA LEU B 200 26.80 10.08 -5.96
C LEU B 200 27.55 10.94 -6.96
N SER B 201 28.84 11.19 -6.68
CA SER B 201 29.68 11.86 -7.67
C SER B 201 30.00 10.94 -8.84
N SER B 202 30.07 9.63 -8.59
CA SER B 202 30.36 8.63 -9.60
C SER B 202 29.43 7.44 -9.38
N PRO B 203 28.97 6.80 -10.46
CA PRO B 203 28.10 5.63 -10.30
C PRO B 203 28.87 4.44 -9.73
N VAL B 204 28.29 3.80 -8.72
CA VAL B 204 28.91 2.67 -8.05
C VAL B 204 28.37 1.39 -8.65
N THR B 205 29.19 0.34 -8.63
CA THR B 205 28.84 -0.95 -9.21
C THR B 205 29.16 -2.06 -8.21
N LYS B 206 28.17 -2.90 -7.93
CA LYS B 206 28.35 -4.09 -7.12
C LYS B 206 28.19 -5.32 -8.01
N SER B 207 29.11 -6.27 -7.89
CA SER B 207 29.17 -7.39 -8.81
C SER B 207 29.58 -8.65 -8.08
N PHE B 208 29.45 -9.78 -8.79
CA PHE B 208 29.91 -11.07 -8.33
C PHE B 208 30.18 -11.94 -9.55
N ASN B 209 31.10 -12.88 -9.41
CA ASN B 209 31.43 -13.78 -10.50
C ASN B 209 30.57 -15.05 -10.39
N ARG B 210 30.82 -16.00 -11.30
CA ARG B 210 30.04 -17.23 -11.41
C ARG B 210 28.61 -16.94 -11.87
#